data_5U0V
#
_entry.id   5U0V
#
_cell.length_a   43.605
_cell.length_b   85.016
_cell.length_c   82.085
_cell.angle_alpha   90.00
_cell.angle_beta   102.83
_cell.angle_gamma   90.00
#
_symmetry.space_group_name_H-M   'P 1 21 1'
#
loop_
_entity.id
_entity.type
_entity.pdbx_description
1 polymer 'Dihydropteroate synthase'
2 non-polymer 2-amino-6-(methylamino)-5-nitrosopyrimidin-4(3H)-one
3 non-polymer 'SODIUM ION'
4 non-polymer 'ACETIC ACID'
5 water water
#
_entity_poly.entity_id   1
_entity_poly.type   'polypeptide(L)'
_entity_poly.pdbx_seq_one_letter_code
;GSMKLFAQGTSLDLSHPHVMGILNVTPDSFSDGGTHNSLIDAVKHANLMINAGATIIDVGGESTRPGAAEVSVEEELQRV
IPVVEAIAQRFEVWISVDTSKPEVIRESAKVGAHIINDIRSLSEPGALEAAAETGLPVCLMHMQGNPKTMQEAPKYDDVF
AEVNRYFIEQIARCEQAGIAKEKLLLDPGFGFGKNLSHNYSLLARLAEFHHFNLPLLVGMSRKSMIGQLLNVGPSERLSG
SLACAVIAAMQGAHIIRVHDVKETVEAMRVVEATLSAKENKRYE
;
_entity_poly.pdbx_strand_id   A,B
#
loop_
_chem_comp.id
_chem_comp.type
_chem_comp.name
_chem_comp.formula
7VJ non-polymer 2-amino-6-(methylamino)-5-nitrosopyrimidin-4(3H)-one 'C5 H7 N5 O2'
ACY non-polymer 'ACETIC ACID' 'C2 H4 O2'
NA non-polymer 'SODIUM ION' 'Na 1'
#
# COMPACT_ATOMS: atom_id res chain seq x y z
N MET A 3 -6.63 21.90 4.04
CA MET A 3 -5.62 22.19 5.03
C MET A 3 -4.30 22.60 4.36
N LYS A 4 -3.70 23.68 4.85
CA LYS A 4 -2.44 24.16 4.29
C LYS A 4 -1.39 24.45 5.35
N LEU A 5 -0.13 24.40 4.92
CA LEU A 5 0.97 24.87 5.73
C LEU A 5 1.49 26.13 5.08
N PHE A 6 1.94 27.06 5.91
CA PHE A 6 2.53 28.32 5.45
C PHE A 6 3.94 28.52 6.00
N ALA A 7 4.89 28.81 5.11
CA ALA A 7 6.27 29.04 5.51
C ALA A 7 6.99 29.84 4.43
N GLN A 8 7.82 30.80 4.85
CA GLN A 8 8.67 31.55 3.93
C GLN A 8 7.83 32.25 2.89
N GLY A 9 6.64 32.69 3.28
CA GLY A 9 5.75 33.38 2.36
C GLY A 9 5.15 32.52 1.26
N THR A 10 5.16 31.21 1.46
CA THR A 10 4.55 30.31 0.49
C THR A 10 3.67 29.31 1.26
N SER A 11 2.97 28.47 0.51
CA SER A 11 2.11 27.48 1.14
C SER A 11 2.22 26.10 0.52
N LEU A 12 1.85 25.09 1.30
CA LEU A 12 1.83 23.74 0.82
C LEU A 12 0.39 23.25 1.00
N ASP A 13 -0.18 22.69 -0.08
CA ASP A 13 -1.57 22.25 -0.13
C ASP A 13 -1.70 20.82 0.36
N LEU A 14 -2.25 20.65 1.55
CA LEU A 14 -2.29 19.31 2.12
C LEU A 14 -3.60 18.59 1.81
N SER A 15 -4.23 18.93 0.69
CA SER A 15 -5.46 18.26 0.29
C SER A 15 -5.17 16.91 -0.36
N HIS A 16 -3.90 16.60 -0.55
CA HIS A 16 -3.49 15.30 -1.06
C HIS A 16 -2.18 14.95 -0.38
N PRO A 17 -1.80 13.66 -0.35
CA PRO A 17 -0.54 13.33 0.31
C PRO A 17 0.68 13.87 -0.44
N HIS A 18 1.69 14.28 0.31
CA HIS A 18 2.97 14.69 -0.24
C HIS A 18 4.04 13.70 0.10
N VAL A 19 4.92 13.44 -0.83
CA VAL A 19 6.08 12.61 -0.55
C VAL A 19 7.29 13.48 -0.17
N MET A 20 7.83 13.22 1.02
CA MET A 20 9.02 13.90 1.49
C MET A 20 10.21 12.98 1.32
N GLY A 21 11.18 13.43 0.53
CA GLY A 21 12.33 12.60 0.22
C GLY A 21 13.44 12.85 1.23
N ILE A 22 14.07 11.77 1.65
CA ILE A 22 15.16 11.84 2.63
C ILE A 22 16.50 12.22 1.95
N LEU A 23 17.10 13.32 2.39
CA LEU A 23 18.40 13.73 1.88
C LEU A 23 19.41 13.69 3.01
N ASN A 24 20.17 12.61 3.09
CA ASN A 24 21.16 12.42 4.13
C ASN A 24 22.50 12.97 3.65
N VAL A 25 23.01 13.99 4.34
CA VAL A 25 24.23 14.66 3.88
C VAL A 25 25.47 14.26 4.70
N THR A 26 25.36 13.16 5.45
CA THR A 26 26.53 12.55 6.09
C THR A 26 27.09 11.42 5.23
N ASN A 37 32.74 16.42 -3.67
CA ASN A 37 32.07 17.42 -2.85
C ASN A 37 30.68 16.99 -2.42
N SER A 38 30.47 16.88 -1.12
CA SER A 38 29.18 16.46 -0.57
C SER A 38 28.04 17.38 -1.04
N LEU A 39 28.34 18.67 -1.17
CA LEU A 39 27.33 19.66 -1.50
C LEU A 39 26.77 19.41 -2.90
N ILE A 40 27.67 19.23 -3.86
CA ILE A 40 27.28 19.00 -5.24
C ILE A 40 26.52 17.68 -5.39
N ASP A 41 26.95 16.66 -4.65
CA ASP A 41 26.21 15.39 -4.60
C ASP A 41 24.82 15.56 -4.01
N ALA A 42 24.71 16.36 -2.96
CA ALA A 42 23.44 16.60 -2.29
C ALA A 42 22.48 17.31 -3.22
N VAL A 43 22.94 18.32 -3.95
CA VAL A 43 22.07 18.98 -4.90
C VAL A 43 21.61 18.02 -6.00
N LYS A 44 22.51 17.16 -6.48
CA LYS A 44 22.07 16.26 -7.54
C LYS A 44 21.05 15.23 -7.02
N HIS A 45 21.23 14.73 -5.81
CA HIS A 45 20.27 13.79 -5.22
C HIS A 45 18.92 14.48 -5.00
N ALA A 46 18.95 15.72 -4.54
CA ALA A 46 17.73 16.48 -4.40
C ALA A 46 17.03 16.64 -5.76
N ASN A 47 17.79 16.91 -6.82
CA ASN A 47 17.19 17.09 -8.14
C ASN A 47 16.48 15.82 -8.60
N LEU A 48 17.13 14.68 -8.40
CA LEU A 48 16.56 13.38 -8.75
C LEU A 48 15.26 13.16 -8.00
N MET A 49 15.24 13.52 -6.72
CA MET A 49 14.04 13.29 -5.92
C MET A 49 12.89 14.19 -6.34
N ILE A 50 13.21 15.43 -6.70
CA ILE A 50 12.20 16.37 -7.18
C ILE A 50 11.60 15.85 -8.50
N ASN A 51 12.48 15.39 -9.39
CA ASN A 51 12.06 14.87 -10.68
C ASN A 51 11.18 13.65 -10.52
N ALA A 52 11.41 12.88 -9.45
CA ALA A 52 10.64 11.67 -9.16
C ALA A 52 9.31 11.99 -8.46
N GLY A 53 9.12 13.25 -8.10
CA GLY A 53 7.85 13.70 -7.52
C GLY A 53 7.83 14.10 -6.06
N ALA A 54 8.97 14.10 -5.39
CA ALA A 54 9.03 14.64 -4.01
C ALA A 54 8.67 16.12 -3.97
N THR A 55 7.82 16.53 -3.02
CA THR A 55 7.47 17.94 -2.91
C THR A 55 8.02 18.57 -1.64
N ILE A 56 8.70 17.77 -0.83
CA ILE A 56 9.48 18.26 0.31
C ILE A 56 10.77 17.48 0.32
N ILE A 57 11.89 18.17 0.52
CA ILE A 57 13.21 17.53 0.65
C ILE A 57 13.67 17.65 2.11
N ASP A 58 13.95 16.52 2.74
CA ASP A 58 14.26 16.49 4.15
C ASP A 58 15.75 16.37 4.40
N VAL A 59 16.36 17.46 4.82
CA VAL A 59 17.81 17.56 4.89
C VAL A 59 18.25 17.28 6.31
N GLY A 60 19.19 16.35 6.46
CA GLY A 60 19.66 15.97 7.79
C GLY A 60 20.96 15.21 7.71
N GLY A 61 21.51 14.86 8.85
CA GLY A 61 22.66 13.98 8.86
C GLY A 61 22.29 12.53 9.13
N GLU A 62 23.31 11.73 9.38
CA GLU A 62 23.15 10.35 9.83
C GLU A 62 22.60 10.25 11.26
N SER A 63 22.84 11.29 12.06
CA SER A 63 22.76 11.16 13.52
C SER A 63 21.35 11.03 14.09
N THR A 64 20.35 10.83 13.24
CA THR A 64 18.99 10.63 13.74
C THR A 64 18.62 9.14 13.75
N ARG A 65 19.50 8.30 13.21
CA ARG A 65 19.36 6.85 13.35
C ARG A 65 19.81 6.42 14.77
N PRO A 66 19.03 5.56 15.44
CA PRO A 66 19.50 5.10 16.77
C PRO A 66 20.83 4.35 16.68
N GLY A 67 21.81 4.75 17.51
CA GLY A 67 23.15 4.19 17.44
C GLY A 67 24.21 5.09 16.79
N ALA A 68 23.78 5.94 15.87
CA ALA A 68 24.68 6.79 15.10
C ALA A 68 25.53 7.77 15.94
N ALA A 69 26.64 8.21 15.35
CA ALA A 69 27.53 9.16 16.01
C ALA A 69 26.82 10.49 16.25
N GLU A 70 26.96 11.00 17.46
CA GLU A 70 26.48 12.33 17.74
C GLU A 70 27.43 13.32 17.07
N VAL A 71 26.92 14.50 16.72
CA VAL A 71 27.77 15.53 16.10
C VAL A 71 27.66 16.90 16.79
N SER A 72 28.69 17.71 16.60
CA SER A 72 28.74 19.05 17.21
C SER A 72 27.78 20.01 16.52
N VAL A 73 27.50 21.14 17.16
CA VAL A 73 26.71 22.18 16.53
C VAL A 73 27.44 22.69 15.31
N GLU A 74 28.75 22.88 15.46
CA GLU A 74 29.59 23.33 14.37
C GLU A 74 29.51 22.43 13.13
N GLU A 75 29.55 21.11 13.33
CA GLU A 75 29.52 20.19 12.19
C GLU A 75 28.13 20.21 11.58
N GLU A 76 27.11 20.26 12.41
CA GLU A 76 25.75 20.27 11.88
C GLU A 76 25.49 21.52 11.03
N LEU A 77 25.94 22.67 11.52
CA LEU A 77 25.84 23.92 10.74
C LEU A 77 26.61 23.83 9.42
N GLN A 78 27.80 23.27 9.47
CA GLN A 78 28.63 23.14 8.27
C GLN A 78 28.00 22.23 7.22
N ARG A 79 27.32 21.18 7.67
CA ARG A 79 26.75 20.19 6.76
C ARG A 79 25.37 20.58 6.24
N VAL A 80 24.53 21.12 7.10
CA VAL A 80 23.12 21.34 6.74
C VAL A 80 22.85 22.70 6.08
N ILE A 81 23.37 23.77 6.66
CA ILE A 81 23.04 25.10 6.15
C ILE A 81 23.38 25.29 4.64
N PRO A 82 24.58 24.89 4.17
CA PRO A 82 24.87 25.12 2.74
C PRO A 82 23.97 24.33 1.81
N VAL A 83 23.54 23.14 2.26
CA VAL A 83 22.67 22.30 1.44
C VAL A 83 21.29 22.96 1.36
N VAL A 84 20.78 23.45 2.49
CA VAL A 84 19.50 24.14 2.50
C VAL A 84 19.57 25.36 1.56
N GLU A 85 20.67 26.11 1.67
CA GLU A 85 20.85 27.28 0.83
C GLU A 85 20.91 26.89 -0.65
N ALA A 86 21.68 25.85 -0.96
CA ALA A 86 21.84 25.44 -2.35
C ALA A 86 20.51 24.99 -2.94
N ILE A 87 19.69 24.27 -2.17
CA ILE A 87 18.38 23.88 -2.69
C ILE A 87 17.47 25.09 -2.92
N ALA A 88 17.46 26.04 -1.98
CA ALA A 88 16.63 27.24 -2.11
C ALA A 88 17.07 28.08 -3.30
N GLN A 89 18.33 27.97 -3.68
CA GLN A 89 18.80 28.73 -4.86
C GLN A 89 18.47 28.07 -6.20
N ARG A 90 18.24 26.75 -6.22
CA ARG A 90 18.01 26.06 -7.47
CA ARG A 90 18.02 25.97 -7.44
C ARG A 90 16.56 25.63 -7.70
N PHE A 91 15.81 25.47 -6.62
CA PHE A 91 14.48 24.85 -6.71
C PHE A 91 13.42 25.59 -5.92
N GLU A 92 12.15 25.42 -6.29
CA GLU A 92 11.08 26.00 -5.50
C GLU A 92 10.53 25.00 -4.45
N VAL A 93 11.10 23.80 -4.40
CA VAL A 93 10.59 22.71 -3.55
C VAL A 93 10.61 23.11 -2.06
N TRP A 94 9.70 22.57 -1.24
CA TRP A 94 9.79 22.80 0.20
C TRP A 94 10.96 22.01 0.82
N ILE A 95 11.52 22.59 1.87
CA ILE A 95 12.71 22.06 2.53
C ILE A 95 12.43 21.85 4.00
N SER A 96 12.66 20.62 4.50
CA SER A 96 12.54 20.32 5.92
CA SER A 96 12.56 20.40 5.94
C SER A 96 13.95 20.12 6.45
N VAL A 97 14.21 20.48 7.69
CA VAL A 97 15.52 20.28 8.29
CA VAL A 97 15.52 20.20 8.25
C VAL A 97 15.40 19.37 9.51
N ASP A 98 16.18 18.29 9.53
CA ASP A 98 16.24 17.36 10.64
C ASP A 98 17.21 17.84 11.66
N THR A 99 16.73 18.51 12.69
CA THR A 99 17.63 18.98 13.74
C THR A 99 16.94 19.11 15.07
N SER A 100 17.73 19.05 16.14
CA SER A 100 17.23 19.34 17.48
C SER A 100 17.97 20.54 18.11
N LYS A 101 18.90 21.12 17.37
CA LYS A 101 19.76 22.16 17.93
C LYS A 101 19.24 23.57 17.63
N PRO A 102 19.12 24.41 18.66
CA PRO A 102 18.53 25.74 18.43
C PRO A 102 19.30 26.58 17.43
N GLU A 103 20.63 26.49 17.40
CA GLU A 103 21.33 27.34 16.45
C GLU A 103 21.10 26.87 15.00
N VAL A 104 20.95 25.55 14.81
CA VAL A 104 20.66 25.04 13.46
C VAL A 104 19.24 25.44 13.04
N ILE A 105 18.30 25.44 13.99
CA ILE A 105 16.92 25.87 13.72
C ILE A 105 16.94 27.33 13.25
N ARG A 106 17.61 28.17 14.02
CA ARG A 106 17.73 29.58 13.70
C ARG A 106 18.38 29.81 12.32
N GLU A 107 19.52 29.17 12.08
CA GLU A 107 20.25 29.44 10.84
C GLU A 107 19.60 28.82 9.62
N SER A 108 18.94 27.69 9.77
N SER A 108 18.97 27.66 9.75
CA SER A 108 18.23 27.05 8.67
CA SER A 108 18.26 27.07 8.63
C SER A 108 17.09 27.93 8.17
C SER A 108 17.09 27.95 8.16
N ALA A 109 16.37 28.54 9.11
CA ALA A 109 15.26 29.43 8.73
C ALA A 109 15.77 30.61 7.93
N LYS A 110 16.93 31.13 8.33
CA LYS A 110 17.52 32.27 7.63
C LYS A 110 17.88 32.00 6.16
N VAL A 111 18.23 30.76 5.82
CA VAL A 111 18.54 30.42 4.45
C VAL A 111 17.40 29.71 3.69
N GLY A 112 16.23 29.63 4.31
CA GLY A 112 15.02 29.30 3.57
C GLY A 112 14.28 28.00 3.89
N ALA A 113 14.63 27.36 5.01
CA ALA A 113 13.97 26.12 5.42
C ALA A 113 12.50 26.39 5.68
N HIS A 114 11.64 25.45 5.31
CA HIS A 114 10.20 25.58 5.51
C HIS A 114 9.62 24.88 6.75
N ILE A 115 10.23 23.76 7.13
CA ILE A 115 9.75 22.91 8.21
C ILE A 115 10.91 22.49 9.10
N ILE A 116 10.72 22.69 10.40
CA ILE A 116 11.63 22.15 11.41
C ILE A 116 11.16 20.76 11.81
N ASN A 117 11.95 19.75 11.45
CA ASN A 117 11.61 18.36 11.73
C ASN A 117 12.47 17.85 12.89
N ASP A 118 11.98 18.00 14.11
CA ASP A 118 12.74 17.60 15.31
C ASP A 118 12.17 16.33 15.90
N ILE A 119 12.88 15.22 15.77
CA ILE A 119 12.39 13.97 16.33
C ILE A 119 12.38 14.05 17.86
N ARG A 120 13.02 15.08 18.42
CA ARG A 120 13.01 15.29 19.86
C ARG A 120 12.02 16.35 20.31
N SER A 121 11.20 16.82 19.37
CA SER A 121 10.08 17.73 19.68
C SER A 121 10.54 18.95 20.49
N LEU A 122 11.68 19.50 20.09
CA LEU A 122 12.16 20.76 20.65
C LEU A 122 12.47 20.64 22.14
N SER A 123 12.86 19.45 22.56
CA SER A 123 13.15 19.22 23.98
C SER A 123 14.53 19.71 24.43
N GLU A 124 15.46 19.89 23.49
CA GLU A 124 16.81 20.33 23.88
C GLU A 124 16.82 21.82 24.29
N PRO A 125 17.78 22.18 25.17
CA PRO A 125 17.69 23.54 25.70
C PRO A 125 17.76 24.62 24.62
N GLY A 126 16.79 25.55 24.65
CA GLY A 126 16.75 26.64 23.70
C GLY A 126 16.05 26.32 22.39
N ALA A 127 15.74 25.05 22.15
CA ALA A 127 15.16 24.70 20.84
C ALA A 127 13.76 25.26 20.70
N LEU A 128 13.00 25.22 21.79
CA LEU A 128 11.63 25.69 21.78
C LEU A 128 11.56 27.17 21.43
N GLU A 129 12.41 27.96 22.09
CA GLU A 129 12.52 29.38 21.76
C GLU A 129 13.01 29.69 20.34
N ALA A 130 14.01 28.96 19.87
CA ALA A 130 14.52 29.20 18.52
C ALA A 130 13.41 28.91 17.50
N ALA A 131 12.69 27.81 17.71
CA ALA A 131 11.63 27.42 16.76
C ALA A 131 10.56 28.51 16.74
N ALA A 132 10.19 28.99 17.92
CA ALA A 132 9.19 30.03 18.04
C ALA A 132 9.62 31.30 17.32
N GLU A 133 10.89 31.68 17.48
CA GLU A 133 11.42 32.87 16.81
C GLU A 133 11.35 32.79 15.29
N THR A 134 11.53 31.60 14.71
CA THR A 134 11.52 31.45 13.26
C THR A 134 10.12 31.60 12.69
N GLY A 135 9.13 31.32 13.52
CA GLY A 135 7.74 31.25 13.08
C GLY A 135 7.44 30.15 12.06
N LEU A 136 8.34 29.18 11.92
CA LEU A 136 8.16 28.08 10.96
C LEU A 136 7.27 26.95 11.50
N PRO A 137 6.68 26.17 10.60
CA PRO A 137 5.98 24.95 11.01
C PRO A 137 6.98 24.00 11.67
N VAL A 138 6.53 23.27 12.67
CA VAL A 138 7.37 22.34 13.41
C VAL A 138 6.68 20.97 13.49
N CYS A 139 7.42 19.91 13.15
CA CYS A 139 6.91 18.56 13.30
C CYS A 139 7.34 18.05 14.65
N LEU A 140 6.36 17.58 15.43
CA LEU A 140 6.55 16.98 16.73
C LEU A 140 6.40 15.46 16.62
N MET A 141 7.42 14.72 17.07
CA MET A 141 7.38 13.27 16.96
C MET A 141 7.40 12.64 18.35
N HIS A 142 6.64 11.57 18.49
CA HIS A 142 6.72 10.77 19.71
C HIS A 142 7.93 9.86 19.66
N MET A 143 8.70 9.85 20.76
CA MET A 143 9.86 8.97 21.00
C MET A 143 9.84 8.64 22.53
N GLN A 144 10.38 7.47 22.86
CA GLN A 144 10.40 6.97 24.24
C GLN A 144 11.26 7.87 25.09
N GLY A 145 12.39 8.27 24.51
CA GLY A 145 13.37 9.10 25.15
C GLY A 145 12.84 10.48 25.51
N ASN A 146 11.98 11.01 24.66
CA ASN A 146 11.58 12.40 24.78
C ASN A 146 10.95 12.71 26.12
N PRO A 147 11.39 13.83 26.69
CA PRO A 147 10.84 14.38 27.95
C PRO A 147 9.32 14.50 27.95
N ASP A 157 -4.22 0.98 29.68
CA ASP A 157 -3.55 1.89 28.72
C ASP A 157 -3.06 1.14 27.49
N ASP A 158 -2.93 1.87 26.38
CA ASP A 158 -2.23 1.33 25.22
C ASP A 158 -1.31 2.40 24.57
N VAL A 159 -0.57 1.98 23.54
CA VAL A 159 0.40 2.88 22.93
C VAL A 159 -0.28 4.04 22.21
N PHE A 160 -1.49 3.82 21.67
CA PHE A 160 -2.21 4.93 21.07
C PHE A 160 -2.44 6.01 22.13
N ALA A 161 -2.99 5.60 23.26
CA ALA A 161 -3.27 6.56 24.34
C ALA A 161 -2.02 7.27 24.84
N GLU A 162 -0.92 6.54 24.96
CA GLU A 162 0.35 7.16 25.33
C GLU A 162 0.80 8.22 24.32
N VAL A 163 0.79 7.87 23.04
CA VAL A 163 1.16 8.84 22.01
C VAL A 163 0.19 10.00 21.96
N ASN A 164 -1.10 9.71 22.08
CA ASN A 164 -2.11 10.75 22.07
C ASN A 164 -1.89 11.73 23.24
N ARG A 165 -1.58 11.19 24.42
CA ARG A 165 -1.31 12.05 25.59
C ARG A 165 -0.05 12.87 25.38
N TYR A 166 0.95 12.25 24.75
CA TYR A 166 2.17 12.96 24.44
C TYR A 166 1.90 14.17 23.53
N PHE A 167 1.10 13.96 22.50
CA PHE A 167 0.76 15.05 21.58
C PHE A 167 0.07 16.19 22.33
N ILE A 168 -0.90 15.85 23.16
CA ILE A 168 -1.62 16.87 23.93
C ILE A 168 -0.65 17.72 24.72
N GLU A 169 0.28 17.07 25.39
CA GLU A 169 1.28 17.72 26.22
C GLU A 169 2.20 18.62 25.39
N GLN A 170 2.66 18.12 24.24
CA GLN A 170 3.64 18.87 23.44
C GLN A 170 3.00 20.06 22.70
N ILE A 171 1.75 19.89 22.25
CA ILE A 171 0.99 20.97 21.65
C ILE A 171 0.84 22.09 22.67
N ALA A 172 0.53 21.70 23.91
CA ALA A 172 0.44 22.69 24.98
C ALA A 172 1.76 23.42 25.18
N ARG A 173 2.87 22.68 25.20
CA ARG A 173 4.19 23.28 25.41
C ARG A 173 4.53 24.27 24.32
N CYS A 174 4.27 23.87 23.07
CA CYS A 174 4.55 24.75 21.92
C CYS A 174 3.73 26.03 21.96
N GLU A 175 2.46 25.88 22.25
CA GLU A 175 1.56 27.03 22.35
C GLU A 175 1.97 27.97 23.47
N GLN A 176 2.39 27.43 24.61
CA GLN A 176 2.86 28.29 25.70
C GLN A 176 4.08 29.13 25.28
N ALA A 177 4.84 28.66 24.29
CA ALA A 177 6.03 29.38 23.84
C ALA A 177 5.72 30.34 22.69
N GLY A 178 4.44 30.50 22.38
CA GLY A 178 4.03 31.37 21.28
C GLY A 178 3.95 30.72 19.91
N ILE A 179 4.03 29.40 19.85
CA ILE A 179 3.89 28.71 18.58
C ILE A 179 2.42 28.35 18.37
N ALA A 180 1.82 28.94 17.33
CA ALA A 180 0.41 28.71 17.01
C ALA A 180 0.16 27.26 16.63
N LYS A 181 -1.01 26.74 16.97
CA LYS A 181 -1.32 25.35 16.75
C LYS A 181 -1.19 25.06 15.26
N GLU A 182 -1.59 26.03 14.45
CA GLU A 182 -1.59 25.89 12.99
C GLU A 182 -0.19 25.74 12.42
N LYS A 183 0.82 25.94 13.24
CA LYS A 183 2.19 25.72 12.81
C LYS A 183 2.67 24.29 13.09
N LEU A 184 1.84 23.47 13.73
CA LEU A 184 2.34 22.18 14.20
C LEU A 184 1.97 21.03 13.25
N LEU A 185 2.85 20.02 13.18
CA LEU A 185 2.54 18.74 12.52
C LEU A 185 2.80 17.66 13.56
N LEU A 186 2.07 16.56 13.47
CA LEU A 186 2.20 15.46 14.43
C LEU A 186 2.68 14.19 13.75
N ASP A 187 3.61 13.49 14.39
CA ASP A 187 4.19 12.27 13.86
C ASP A 187 4.25 11.25 15.00
N PRO A 188 3.54 10.12 14.87
CA PRO A 188 3.48 9.16 15.99
C PRO A 188 4.82 8.42 16.21
N GLY A 189 5.79 8.62 15.32
CA GLY A 189 7.18 8.16 15.52
C GLY A 189 7.30 6.64 15.37
N PHE A 190 7.07 6.14 14.17
CA PHE A 190 7.26 4.71 13.96
C PHE A 190 8.74 4.32 14.11
N GLY A 191 8.99 3.16 14.71
CA GLY A 191 10.35 2.73 14.86
C GLY A 191 10.93 3.31 16.17
N PHE A 192 12.19 3.73 16.13
CA PHE A 192 12.88 4.25 17.32
C PHE A 192 12.68 3.32 18.51
N GLY A 193 12.91 2.05 18.24
CA GLY A 193 12.81 1.04 19.30
C GLY A 193 11.43 0.49 19.64
N LYS A 194 10.33 1.11 19.14
CA LYS A 194 8.99 0.55 19.34
C LYS A 194 8.95 -0.89 18.80
N ASN A 195 8.29 -1.79 19.54
CA ASN A 195 8.23 -3.16 19.07
C ASN A 195 7.19 -3.30 17.98
N LEU A 196 7.07 -4.50 17.44
CA LEU A 196 6.23 -4.71 16.26
C LEU A 196 4.76 -4.37 16.51
N SER A 197 4.20 -4.92 17.59
CA SER A 197 2.80 -4.65 17.90
CA SER A 197 2.82 -4.66 17.99
C SER A 197 2.53 -3.18 18.15
N HIS A 198 3.42 -2.48 18.85
CA HIS A 198 3.20 -1.06 19.06
C HIS A 198 3.18 -0.28 17.73
N ASN A 199 4.12 -0.57 16.85
CA ASN A 199 4.17 0.10 15.55
C ASN A 199 2.89 -0.16 14.74
N TYR A 200 2.46 -1.42 14.71
CA TYR A 200 1.29 -1.70 13.86
C TYR A 200 0.00 -1.22 14.49
N SER A 201 -0.04 -1.14 15.82
CA SER A 201 -1.20 -0.54 16.48
CA SER A 201 -1.20 -0.54 16.50
C SER A 201 -1.34 0.93 16.09
N LEU A 202 -0.22 1.63 16.11
CA LEU A 202 -0.24 3.03 15.72
C LEU A 202 -0.66 3.20 14.24
N LEU A 203 -0.19 2.33 13.36
CA LEU A 203 -0.57 2.43 11.96
C LEU A 203 -2.06 2.11 11.76
N ALA A 204 -2.52 1.06 12.45
CA ALA A 204 -3.91 0.66 12.33
C ALA A 204 -4.86 1.75 12.82
N ARG A 205 -4.42 2.54 13.78
CA ARG A 205 -5.26 3.57 14.38
C ARG A 205 -4.85 5.00 13.97
N LEU A 206 -4.00 5.12 12.95
CA LEU A 206 -3.47 6.42 12.55
C LEU A 206 -4.54 7.49 12.34
N ALA A 207 -5.68 7.12 11.74
CA ALA A 207 -6.70 8.11 11.42
C ALA A 207 -7.30 8.74 12.67
N GLU A 208 -7.25 8.04 13.81
CA GLU A 208 -7.79 8.58 15.05
C GLU A 208 -7.03 9.82 15.49
N PHE A 209 -5.83 10.03 14.96
CA PHE A 209 -5.03 11.20 15.34
C PHE A 209 -5.50 12.47 14.62
N HIS A 210 -6.43 12.30 13.67
CA HIS A 210 -7.00 13.46 13.00
C HIS A 210 -7.84 14.33 13.93
N HIS A 211 -8.14 13.86 15.15
CA HIS A 211 -9.00 14.65 16.03
C HIS A 211 -8.34 15.99 16.42
N PHE A 212 -7.01 16.06 16.31
CA PHE A 212 -6.32 17.32 16.57
C PHE A 212 -6.50 18.36 15.47
N ASN A 213 -7.00 17.94 14.31
CA ASN A 213 -7.09 18.79 13.11
C ASN A 213 -5.75 19.38 12.71
N LEU A 214 -4.70 18.56 12.77
CA LEU A 214 -3.35 18.97 12.41
C LEU A 214 -2.77 18.01 11.39
N PRO A 215 -1.86 18.48 10.56
CA PRO A 215 -1.23 17.58 9.58
C PRO A 215 -0.56 16.38 10.27
N LEU A 216 -0.71 15.18 9.68
CA LEU A 216 0.03 14.01 10.15
C LEU A 216 1.17 13.71 9.20
N LEU A 217 2.35 13.54 9.79
CA LEU A 217 3.55 13.16 9.05
C LEU A 217 3.99 11.77 9.55
N VAL A 218 4.32 10.85 8.64
CA VAL A 218 4.76 9.51 9.06
C VAL A 218 6.05 9.10 8.36
N GLY A 219 6.84 8.26 9.03
CA GLY A 219 8.07 7.76 8.46
C GLY A 219 8.25 6.28 8.78
N MET A 220 7.98 5.44 7.80
CA MET A 220 8.09 4.00 8.01
C MET A 220 9.10 3.37 7.07
N SER A 221 9.60 4.17 6.14
CA SER A 221 10.46 3.67 5.04
C SER A 221 11.65 2.83 5.53
N ARG A 222 11.69 1.56 5.12
CA ARG A 222 12.77 0.60 5.43
C ARG A 222 12.99 0.33 6.91
N LYS A 223 11.99 0.60 7.74
CA LYS A 223 12.18 0.42 9.18
C LYS A 223 11.95 -1.03 9.63
N SER A 224 12.31 -1.27 10.89
CA SER A 224 12.16 -2.56 11.55
C SER A 224 10.80 -3.16 11.45
N MET A 225 9.75 -2.33 11.49
CA MET A 225 8.40 -2.88 11.43
C MET A 225 8.18 -3.61 10.09
N ILE A 226 9.00 -3.30 9.10
CA ILE A 226 8.98 -4.08 7.87
C ILE A 226 10.04 -5.18 7.87
N GLY A 227 11.28 -4.80 8.19
CA GLY A 227 12.40 -5.73 8.26
C GLY A 227 12.16 -6.93 9.18
N GLN A 228 11.70 -6.68 10.40
CA GLN A 228 11.47 -7.75 11.37
C GLN A 228 10.26 -8.58 11.01
N LEU A 229 9.20 -7.94 10.50
CA LEU A 229 7.99 -8.64 10.12
C LEU A 229 8.31 -9.62 9.01
N LEU A 230 9.04 -9.14 8.01
CA LEU A 230 9.28 -9.96 6.80
C LEU A 230 10.56 -10.76 6.92
N ASN A 231 11.38 -10.43 7.92
CA ASN A 231 12.68 -11.04 8.11
C ASN A 231 13.56 -10.82 6.86
N VAL A 232 13.76 -9.55 6.50
CA VAL A 232 14.58 -9.23 5.33
C VAL A 232 15.49 -8.04 5.66
N GLY A 233 16.61 -7.93 4.93
CA GLY A 233 17.60 -6.88 5.15
C GLY A 233 17.15 -5.50 4.70
N PRO A 234 17.96 -4.46 5.02
CA PRO A 234 17.48 -3.11 4.76
C PRO A 234 17.26 -2.77 3.29
N SER A 235 17.87 -3.49 2.36
CA SER A 235 17.71 -3.18 0.94
C SER A 235 16.53 -3.94 0.31
N GLU A 236 15.85 -4.76 1.11
CA GLU A 236 14.80 -5.64 0.59
C GLU A 236 13.42 -5.25 1.10
N ARG A 237 13.30 -3.99 1.51
CA ARG A 237 12.07 -3.55 2.19
C ARG A 237 11.12 -2.64 1.37
N LEU A 238 11.35 -2.52 0.06
CA LEU A 238 10.52 -1.59 -0.73
C LEU A 238 9.05 -1.98 -0.71
N SER A 239 8.74 -3.25 -0.95
CA SER A 239 7.34 -3.60 -1.07
C SER A 239 6.61 -3.34 0.25
N GLY A 240 7.25 -3.69 1.36
CA GLY A 240 6.68 -3.45 2.69
C GLY A 240 6.56 -1.98 2.99
N SER A 241 7.56 -1.20 2.56
CA SER A 241 7.54 0.24 2.74
C SER A 241 6.40 0.89 1.96
N LEU A 242 6.21 0.46 0.71
CA LEU A 242 5.07 0.96 -0.07
C LEU A 242 3.75 0.59 0.59
N ALA A 243 3.63 -0.65 1.08
CA ALA A 243 2.40 -1.03 1.76
C ALA A 243 2.09 -0.14 2.96
N CYS A 244 3.10 0.13 3.78
CA CYS A 244 2.96 1.05 4.93
C CYS A 244 2.53 2.44 4.47
N ALA A 245 3.18 2.93 3.41
CA ALA A 245 2.87 4.26 2.90
C ALA A 245 1.42 4.33 2.43
N VAL A 246 0.98 3.28 1.71
CA VAL A 246 -0.37 3.29 1.19
C VAL A 246 -1.39 3.19 2.33
N ILE A 247 -1.13 2.33 3.31
CA ILE A 247 -2.01 2.22 4.48
C ILE A 247 -2.15 3.56 5.22
N ALA A 248 -1.03 4.25 5.44
CA ALA A 248 -1.06 5.57 6.07
C ALA A 248 -1.83 6.60 5.22
N ALA A 249 -1.52 6.64 3.93
CA ALA A 249 -2.12 7.67 3.06
C ALA A 249 -3.62 7.44 2.90
N MET A 250 -4.06 6.17 2.89
CA MET A 250 -5.51 5.93 2.81
C MET A 250 -6.19 6.40 4.07
N GLN A 251 -5.43 6.52 5.16
CA GLN A 251 -6.00 7.06 6.39
C GLN A 251 -5.79 8.56 6.51
N GLY A 252 -5.45 9.19 5.40
CA GLY A 252 -5.31 10.64 5.39
C GLY A 252 -4.00 11.21 5.94
N ALA A 253 -2.96 10.40 6.11
CA ALA A 253 -1.62 10.95 6.36
C ALA A 253 -1.28 11.98 5.29
N HIS A 254 -0.74 13.12 5.72
CA HIS A 254 -0.49 14.23 4.79
C HIS A 254 0.91 14.22 4.16
N ILE A 255 1.92 13.82 4.93
CA ILE A 255 3.28 13.76 4.43
C ILE A 255 3.88 12.40 4.75
N ILE A 256 4.49 11.77 3.75
CA ILE A 256 5.08 10.43 3.91
C ILE A 256 6.56 10.56 3.64
N ARG A 257 7.37 10.27 4.63
CA ARG A 257 8.81 10.46 4.53
C ARG A 257 9.46 9.16 4.11
N VAL A 258 10.19 9.18 2.99
CA VAL A 258 10.69 7.96 2.38
C VAL A 258 12.06 8.07 1.74
N HIS A 259 12.69 6.93 1.55
CA HIS A 259 13.94 6.82 0.81
C HIS A 259 13.67 6.69 -0.70
N ASP A 260 12.62 5.96 -1.05
CA ASP A 260 12.39 5.57 -2.45
C ASP A 260 11.29 6.42 -3.04
N VAL A 261 11.64 7.60 -3.56
CA VAL A 261 10.62 8.57 -3.90
C VAL A 261 9.79 8.16 -5.11
N LYS A 262 10.45 7.70 -6.18
CA LYS A 262 9.73 7.39 -7.42
C LYS A 262 8.57 6.43 -7.15
N GLU A 263 8.89 5.34 -6.46
CA GLU A 263 7.92 4.26 -6.24
C GLU A 263 6.82 4.72 -5.29
N THR A 264 7.17 5.51 -4.28
CA THR A 264 6.17 6.01 -3.37
C THR A 264 5.23 6.95 -4.06
N VAL A 265 5.77 7.85 -4.89
CA VAL A 265 4.93 8.77 -5.62
C VAL A 265 3.95 8.02 -6.53
N GLU A 266 4.44 6.99 -7.22
CA GLU A 266 3.57 6.11 -8.04
C GLU A 266 2.45 5.53 -7.21
N ALA A 267 2.77 5.03 -6.01
CA ALA A 267 1.75 4.45 -5.15
C ALA A 267 0.77 5.53 -4.71
N MET A 268 1.26 6.75 -4.49
CA MET A 268 0.38 7.81 -4.04
C MET A 268 -0.60 8.24 -5.17
N ARG A 269 -0.20 8.09 -6.43
CA ARG A 269 -1.08 8.40 -7.56
C ARG A 269 -2.32 7.50 -7.50
N VAL A 270 -2.08 6.22 -7.18
CA VAL A 270 -3.15 5.25 -7.06
C VAL A 270 -4.02 5.59 -5.85
N VAL A 271 -3.39 5.89 -4.72
CA VAL A 271 -4.14 6.35 -3.55
C VAL A 271 -5.01 7.58 -3.86
N GLU A 272 -4.43 8.57 -4.51
CA GLU A 272 -5.16 9.78 -4.82
C GLU A 272 -6.36 9.48 -5.74
N ALA A 273 -6.17 8.62 -6.73
CA ALA A 273 -7.25 8.25 -7.63
C ALA A 273 -8.40 7.62 -6.83
N THR A 274 -8.04 6.80 -5.85
CA THR A 274 -9.05 6.13 -5.04
C THR A 274 -9.77 7.09 -4.09
N LEU A 275 -9.03 7.95 -3.41
CA LEU A 275 -9.66 8.84 -2.45
C LEU A 275 -10.52 9.86 -3.18
N SER A 276 -10.12 10.20 -4.40
CA SER A 276 -10.89 11.13 -5.23
C SER A 276 -12.24 10.53 -5.63
N ALA A 277 -12.24 9.22 -5.84
CA ALA A 277 -13.44 8.51 -6.27
C ALA A 277 -14.41 8.36 -5.10
N LYS A 278 -13.88 8.50 -3.90
CA LYS A 278 -14.64 8.34 -2.66
C LYS A 278 -15.46 9.59 -2.38
N SER B 2 -15.79 -18.02 10.71
CA SER B 2 -14.84 -17.50 9.74
C SER B 2 -15.16 -18.00 8.34
N MET B 3 -14.94 -17.16 7.35
CA MET B 3 -15.17 -17.54 5.96
C MET B 3 -14.15 -18.53 5.40
N LYS B 4 -14.66 -19.63 4.85
CA LYS B 4 -13.82 -20.65 4.26
C LYS B 4 -14.41 -21.06 2.93
N LEU B 5 -13.57 -21.63 2.07
CA LEU B 5 -14.09 -22.33 0.89
C LEU B 5 -13.71 -23.78 0.99
N PHE B 6 -14.50 -24.63 0.33
CA PHE B 6 -14.28 -26.07 0.38
C PHE B 6 -14.22 -26.67 -1.00
N ALA B 7 -13.18 -27.45 -1.25
CA ALA B 7 -13.03 -28.08 -2.57
C ALA B 7 -12.04 -29.21 -2.48
N GLN B 8 -12.34 -30.32 -3.18
CA GLN B 8 -11.43 -31.45 -3.30
C GLN B 8 -10.98 -32.01 -1.96
N GLY B 9 -11.85 -31.94 -0.97
CA GLY B 9 -11.54 -32.52 0.33
C GLY B 9 -10.64 -31.63 1.17
N THR B 10 -10.37 -30.41 0.70
CA THR B 10 -9.61 -29.44 1.47
C THR B 10 -10.37 -28.14 1.68
N SER B 11 -9.78 -27.23 2.43
CA SER B 11 -10.46 -25.99 2.73
C SER B 11 -9.47 -24.83 2.55
N LEU B 12 -10.02 -23.67 2.26
CA LEU B 12 -9.22 -22.45 2.13
C LEU B 12 -9.76 -21.49 3.15
N ASP B 13 -8.91 -21.13 4.10
CA ASP B 13 -9.26 -20.21 5.19
C ASP B 13 -9.08 -18.75 4.75
N LEU B 14 -10.18 -18.02 4.65
CA LEU B 14 -10.11 -16.65 4.12
C LEU B 14 -10.18 -15.62 5.24
N SER B 15 -9.67 -15.96 6.43
CA SER B 15 -9.63 -14.97 7.52
C SER B 15 -8.48 -13.99 7.33
N HIS B 16 -7.66 -14.24 6.32
CA HIS B 16 -6.60 -13.32 5.91
C HIS B 16 -6.51 -13.33 4.37
N PRO B 17 -5.92 -12.29 3.78
CA PRO B 17 -5.88 -12.26 2.30
C PRO B 17 -4.95 -13.31 1.72
N HIS B 18 -5.36 -13.89 0.60
CA HIS B 18 -4.54 -14.83 -0.14
C HIS B 18 -4.08 -14.22 -1.44
N VAL B 19 -2.88 -14.59 -1.88
CA VAL B 19 -2.37 -14.14 -3.17
C VAL B 19 -2.54 -15.27 -4.19
N MET B 20 -3.21 -14.95 -5.29
CA MET B 20 -3.44 -15.92 -6.35
C MET B 20 -2.51 -15.55 -7.48
N GLY B 21 -1.60 -16.47 -7.84
CA GLY B 21 -0.62 -16.16 -8.87
C GLY B 21 -1.15 -16.50 -10.24
N ILE B 22 -0.93 -15.62 -11.21
CA ILE B 22 -1.38 -15.83 -12.59
C ILE B 22 -0.45 -16.78 -13.35
N LEU B 23 -1.03 -17.82 -13.94
CA LEU B 23 -0.26 -18.80 -14.70
C LEU B 23 -0.86 -18.89 -16.10
N ASN B 24 -0.28 -18.14 -17.01
CA ASN B 24 -0.76 -18.10 -18.38
C ASN B 24 -0.10 -19.21 -19.20
N VAL B 25 -0.92 -20.11 -19.72
CA VAL B 25 -0.41 -21.25 -20.44
C VAL B 25 -0.49 -21.06 -21.95
N THR B 26 -1.01 -19.92 -22.40
CA THR B 26 -1.19 -19.75 -23.84
C THR B 26 0.16 -19.89 -24.51
N PRO B 27 0.22 -20.62 -25.62
CA PRO B 27 1.50 -20.77 -26.32
C PRO B 27 1.80 -19.57 -27.20
N ASN B 37 6.93 -29.50 -22.74
CA ASN B 37 7.52 -28.18 -23.00
C ASN B 37 6.69 -27.02 -22.46
N SER B 38 5.58 -26.67 -23.08
CA SER B 38 4.84 -25.59 -22.48
C SER B 38 4.51 -26.08 -21.09
N LEU B 39 4.26 -27.38 -20.97
CA LEU B 39 3.87 -27.99 -19.71
C LEU B 39 4.97 -27.93 -18.66
N ILE B 40 6.19 -28.23 -19.07
CA ILE B 40 7.33 -28.18 -18.15
C ILE B 40 7.52 -26.77 -17.60
N ASP B 41 7.39 -25.79 -18.50
CA ASP B 41 7.59 -24.39 -18.15
C ASP B 41 6.44 -23.89 -17.26
N ALA B 42 5.23 -24.42 -17.46
CA ALA B 42 4.10 -24.09 -16.61
C ALA B 42 4.32 -24.57 -15.19
N VAL B 43 4.77 -25.81 -15.02
CA VAL B 43 5.04 -26.36 -13.69
C VAL B 43 6.17 -25.60 -12.98
N LYS B 44 7.21 -25.24 -13.72
CA LYS B 44 8.33 -24.48 -13.15
C LYS B 44 7.83 -23.14 -12.63
N HIS B 45 7.05 -22.44 -13.45
CA HIS B 45 6.50 -21.15 -13.03
C HIS B 45 5.60 -21.32 -11.81
N ALA B 46 4.75 -22.34 -11.83
CA ALA B 46 3.90 -22.63 -10.67
C ALA B 46 4.73 -22.83 -9.42
N ASN B 47 5.82 -23.59 -9.55
CA ASN B 47 6.67 -23.85 -8.39
C ASN B 47 7.27 -22.57 -7.78
N LEU B 48 7.71 -21.69 -8.66
CA LEU B 48 8.30 -20.39 -8.24
C LEU B 48 7.25 -19.56 -7.48
N MET B 49 6.03 -19.53 -8.02
CA MET B 49 4.99 -18.72 -7.39
C MET B 49 4.56 -19.29 -6.05
N ILE B 50 4.52 -20.61 -5.94
CA ILE B 50 4.22 -21.24 -4.67
C ILE B 50 5.30 -20.92 -3.63
N ASN B 51 6.55 -20.99 -4.03
CA ASN B 51 7.65 -20.74 -3.09
C ASN B 51 7.64 -19.27 -2.67
N ALA B 52 7.13 -18.42 -3.55
CA ALA B 52 7.05 -16.98 -3.29
C ALA B 52 5.85 -16.62 -2.40
N GLY B 53 4.98 -17.61 -2.16
CA GLY B 53 3.88 -17.47 -1.22
C GLY B 53 2.45 -17.42 -1.77
N ALA B 54 2.29 -17.64 -3.08
CA ALA B 54 0.96 -17.82 -3.67
C ALA B 54 0.30 -19.03 -3.03
N THR B 55 -0.97 -18.92 -2.66
CA THR B 55 -1.70 -20.05 -2.08
C THR B 55 -2.82 -20.51 -3.03
N ILE B 56 -2.96 -19.81 -4.16
CA ILE B 56 -3.79 -20.25 -5.30
C ILE B 56 -3.03 -20.00 -6.58
N ILE B 57 -3.05 -20.96 -7.51
CA ILE B 57 -2.46 -20.74 -8.82
C ILE B 57 -3.59 -20.69 -9.84
N ASP B 58 -3.65 -19.62 -10.63
CA ASP B 58 -4.74 -19.40 -11.59
C ASP B 58 -4.31 -19.74 -13.01
N VAL B 59 -4.79 -20.89 -13.48
CA VAL B 59 -4.39 -21.46 -14.76
C VAL B 59 -5.32 -20.98 -15.87
N GLY B 60 -4.77 -20.33 -16.89
CA GLY B 60 -5.62 -19.91 -18.00
C GLY B 60 -4.89 -20.01 -19.32
N GLY B 61 -5.59 -20.44 -20.37
CA GLY B 61 -5.00 -20.61 -21.69
C GLY B 61 -5.82 -20.05 -22.86
N GLU B 62 -5.90 -18.72 -22.92
CA GLU B 62 -6.66 -18.04 -23.96
C GLU B 62 -5.99 -16.72 -24.36
N GLU B 70 -12.33 -16.48 -29.09
CA GLU B 70 -12.33 -17.62 -28.16
C GLU B 70 -11.68 -18.83 -28.82
N VAL B 71 -10.72 -19.44 -28.13
CA VAL B 71 -10.07 -20.64 -28.63
C VAL B 71 -11.11 -21.78 -28.53
N SER B 72 -10.92 -22.80 -29.35
CA SER B 72 -11.82 -23.94 -29.37
C SER B 72 -11.77 -24.66 -28.04
N VAL B 73 -12.83 -25.41 -27.72
CA VAL B 73 -12.78 -26.13 -26.46
C VAL B 73 -11.71 -27.22 -26.48
N GLU B 74 -11.48 -27.86 -27.63
CA GLU B 74 -10.43 -28.90 -27.65
C GLU B 74 -9.02 -28.31 -27.40
N GLU B 75 -8.78 -27.10 -27.92
CA GLU B 75 -7.53 -26.35 -27.70
C GLU B 75 -7.37 -26.05 -26.21
N GLU B 76 -8.41 -25.48 -25.65
CA GLU B 76 -8.40 -25.15 -24.23
C GLU B 76 -8.15 -26.36 -23.34
N LEU B 77 -8.80 -27.50 -23.62
CA LEU B 77 -8.57 -28.72 -22.88
C LEU B 77 -7.12 -29.18 -22.97
N GLN B 78 -6.56 -29.09 -24.17
CA GLN B 78 -5.18 -29.54 -24.40
C GLN B 78 -4.16 -28.70 -23.64
N ARG B 79 -4.39 -27.39 -23.59
CA ARG B 79 -3.49 -26.46 -22.90
C ARG B 79 -3.59 -26.54 -21.39
N VAL B 80 -4.83 -26.52 -20.91
CA VAL B 80 -5.12 -26.29 -19.49
C VAL B 80 -5.12 -27.54 -18.66
N ILE B 81 -5.79 -28.60 -19.12
CA ILE B 81 -5.98 -29.75 -18.28
C ILE B 81 -4.66 -30.43 -17.85
N PRO B 82 -3.68 -30.58 -18.76
CA PRO B 82 -2.45 -31.23 -18.31
C PRO B 82 -1.69 -30.45 -17.22
N VAL B 83 -1.80 -29.12 -17.30
CA VAL B 83 -1.17 -28.22 -16.33
C VAL B 83 -1.86 -28.31 -14.97
N VAL B 84 -3.19 -28.19 -14.95
CA VAL B 84 -3.95 -28.40 -13.71
C VAL B 84 -3.61 -29.75 -13.06
N GLU B 85 -3.64 -30.81 -13.86
CA GLU B 85 -3.35 -32.16 -13.39
C GLU B 85 -1.96 -32.28 -12.79
N ALA B 86 -0.97 -31.70 -13.47
CA ALA B 86 0.42 -31.77 -13.02
C ALA B 86 0.60 -31.03 -11.69
N ILE B 87 -0.03 -29.87 -11.58
CA ILE B 87 0.08 -29.09 -10.36
C ILE B 87 -0.62 -29.81 -9.22
N ALA B 88 -1.79 -30.39 -9.51
CA ALA B 88 -2.56 -31.11 -8.49
C ALA B 88 -1.81 -32.33 -7.96
N GLN B 89 -1.06 -32.97 -8.84
CA GLN B 89 -0.34 -34.19 -8.50
C GLN B 89 0.87 -33.91 -7.63
N ARG B 90 1.49 -32.76 -7.86
CA ARG B 90 2.77 -32.45 -7.25
C ARG B 90 2.66 -31.57 -6.00
N PHE B 91 1.72 -30.61 -6.02
CA PHE B 91 1.61 -29.61 -4.98
C PHE B 91 0.29 -29.69 -4.24
N GLU B 92 0.20 -28.99 -3.10
CA GLU B 92 -1.02 -28.94 -2.33
C GLU B 92 -1.75 -27.61 -2.52
N VAL B 93 -1.12 -26.71 -3.25
CA VAL B 93 -1.69 -25.39 -3.53
C VAL B 93 -3.10 -25.49 -4.14
N TRP B 94 -3.97 -24.51 -3.85
CA TRP B 94 -5.27 -24.48 -4.54
C TRP B 94 -5.08 -24.04 -5.97
N ILE B 95 -5.94 -24.56 -6.85
CA ILE B 95 -5.86 -24.27 -8.27
C ILE B 95 -7.17 -23.68 -8.78
N SER B 96 -7.10 -22.53 -9.44
CA SER B 96 -8.24 -21.92 -10.09
CA SER B 96 -8.28 -22.00 -10.10
C SER B 96 -8.08 -22.11 -11.60
N VAL B 97 -9.19 -22.31 -12.30
CA VAL B 97 -9.14 -22.51 -13.73
C VAL B 97 -9.93 -21.43 -14.43
N ASP B 98 -9.29 -20.75 -15.38
CA ASP B 98 -9.91 -19.64 -16.11
C ASP B 98 -10.63 -20.22 -17.29
N THR B 99 -11.93 -20.46 -17.17
CA THR B 99 -12.65 -21.03 -18.29
C THR B 99 -14.12 -20.62 -18.27
N SER B 100 -14.73 -20.64 -19.45
CA SER B 100 -16.17 -20.45 -19.58
C SER B 100 -16.90 -21.69 -20.12
N LYS B 101 -16.17 -22.77 -20.39
CA LYS B 101 -16.74 -23.89 -21.16
C LYS B 101 -17.08 -25.07 -20.30
N PRO B 102 -18.28 -25.64 -20.49
CA PRO B 102 -18.68 -26.77 -19.64
C PRO B 102 -17.69 -27.94 -19.66
N GLU B 103 -17.11 -28.27 -20.80
CA GLU B 103 -16.21 -29.44 -20.84
C GLU B 103 -14.97 -29.23 -20.00
N VAL B 104 -14.44 -28.02 -20.05
CA VAL B 104 -13.25 -27.68 -19.27
C VAL B 104 -13.60 -27.61 -17.79
N ILE B 105 -14.78 -27.08 -17.47
CA ILE B 105 -15.22 -27.07 -16.07
C ILE B 105 -15.26 -28.50 -15.54
N ARG B 106 -15.90 -29.39 -16.28
CA ARG B 106 -16.02 -30.79 -15.86
C ARG B 106 -14.67 -31.48 -15.73
N GLU B 107 -13.83 -31.36 -16.75
CA GLU B 107 -12.54 -32.03 -16.75
C GLU B 107 -11.55 -31.43 -15.73
N SER B 108 -11.62 -30.12 -15.54
CA SER B 108 -10.79 -29.48 -14.52
C SER B 108 -11.09 -30.07 -13.15
N ALA B 109 -12.37 -30.18 -12.83
CA ALA B 109 -12.78 -30.73 -11.54
C ALA B 109 -12.27 -32.17 -11.38
N LYS B 110 -12.31 -32.95 -12.45
CA LYS B 110 -11.91 -34.35 -12.37
C LYS B 110 -10.42 -34.49 -12.11
N VAL B 111 -9.60 -33.54 -12.57
CA VAL B 111 -8.16 -33.64 -12.33
C VAL B 111 -7.63 -32.80 -11.16
N GLY B 112 -8.53 -32.26 -10.35
CA GLY B 112 -8.15 -31.69 -9.08
C GLY B 112 -8.24 -30.20 -8.87
N ALA B 113 -8.91 -29.48 -9.77
CA ALA B 113 -9.03 -28.01 -9.62
C ALA B 113 -9.97 -27.64 -8.46
N HIS B 114 -9.76 -26.46 -7.88
CA HIS B 114 -10.52 -26.05 -6.70
C HIS B 114 -11.53 -24.95 -6.97
N ILE B 115 -11.22 -24.03 -7.88
CA ILE B 115 -12.09 -22.91 -8.13
C ILE B 115 -12.33 -22.74 -9.62
N ILE B 116 -13.59 -22.59 -10.02
CA ILE B 116 -13.88 -22.21 -11.39
C ILE B 116 -13.90 -20.71 -11.50
N ASN B 117 -12.94 -20.16 -12.24
CA ASN B 117 -12.85 -18.71 -12.37
C ASN B 117 -13.35 -18.28 -13.75
N ASP B 118 -14.63 -17.96 -13.86
CA ASP B 118 -15.23 -17.65 -15.16
C ASP B 118 -15.49 -16.16 -15.27
N ILE B 119 -14.73 -15.44 -16.08
CA ILE B 119 -14.96 -14.02 -16.25
C ILE B 119 -16.33 -13.77 -16.89
N ARG B 120 -16.97 -14.82 -17.43
CA ARG B 120 -18.29 -14.67 -18.03
C ARG B 120 -19.40 -15.15 -17.10
N SER B 121 -19.03 -15.48 -15.86
CA SER B 121 -19.98 -15.88 -14.84
C SER B 121 -20.97 -16.96 -15.30
N LEU B 122 -20.44 -17.98 -15.97
CA LEU B 122 -21.19 -19.16 -16.38
C LEU B 122 -22.34 -18.83 -17.33
N SER B 123 -22.16 -17.82 -18.16
CA SER B 123 -23.20 -17.42 -19.11
C SER B 123 -23.24 -18.33 -20.37
N GLU B 124 -22.15 -19.02 -20.69
CA GLU B 124 -22.13 -19.82 -21.93
C GLU B 124 -22.95 -21.10 -21.79
N PRO B 125 -23.51 -21.59 -22.92
CA PRO B 125 -24.40 -22.76 -22.82
C PRO B 125 -23.80 -23.95 -22.07
N GLY B 126 -24.54 -24.44 -21.08
CA GLY B 126 -24.15 -25.61 -20.34
C GLY B 126 -23.21 -25.31 -19.17
N ALA B 127 -22.63 -24.10 -19.13
CA ALA B 127 -21.62 -23.80 -18.10
C ALA B 127 -22.22 -23.86 -16.69
N LEU B 128 -23.39 -23.30 -16.55
CA LEU B 128 -24.03 -23.24 -15.25
C LEU B 128 -24.27 -24.65 -14.71
N GLU B 129 -24.77 -25.53 -15.58
CA GLU B 129 -25.06 -26.89 -15.13
C GLU B 129 -23.78 -27.66 -14.82
N ALA B 130 -22.76 -27.48 -15.64
CA ALA B 130 -21.48 -28.12 -15.40
C ALA B 130 -20.87 -27.67 -14.08
N ALA B 131 -20.95 -26.37 -13.82
CA ALA B 131 -20.39 -25.82 -12.58
C ALA B 131 -21.13 -26.42 -11.40
N ALA B 132 -22.46 -26.41 -11.45
CA ALA B 132 -23.26 -26.99 -10.37
C ALA B 132 -22.91 -28.46 -10.11
N GLU B 133 -22.72 -29.22 -11.18
CA GLU B 133 -22.44 -30.65 -11.04
C GLU B 133 -21.09 -30.93 -10.37
N THR B 134 -20.11 -30.08 -10.61
CA THR B 134 -18.80 -30.22 -10.00
C THR B 134 -18.85 -30.05 -8.49
N GLY B 135 -19.71 -29.16 -8.03
CA GLY B 135 -19.75 -28.80 -6.63
C GLY B 135 -18.65 -27.86 -6.22
N LEU B 136 -17.86 -27.38 -7.17
CA LEU B 136 -16.74 -26.49 -6.86
C LEU B 136 -17.18 -25.05 -6.60
N PRO B 137 -16.36 -24.32 -5.84
CA PRO B 137 -16.47 -22.86 -5.78
C PRO B 137 -16.44 -22.22 -7.17
N VAL B 138 -17.26 -21.20 -7.37
CA VAL B 138 -17.27 -20.45 -8.61
C VAL B 138 -17.10 -18.96 -8.36
N CYS B 139 -16.21 -18.33 -9.10
CA CYS B 139 -16.06 -16.88 -9.04
C CYS B 139 -16.91 -16.22 -10.11
N LEU B 140 -17.78 -15.33 -9.67
CA LEU B 140 -18.64 -14.53 -10.56
C LEU B 140 -18.04 -13.14 -10.75
N MET B 141 -17.75 -12.77 -11.98
CA MET B 141 -17.12 -11.48 -12.27
C MET B 141 -18.04 -10.56 -13.08
N HIS B 142 -18.10 -9.29 -12.71
CA HIS B 142 -18.86 -8.33 -13.52
C HIS B 142 -18.11 -7.91 -14.79
N MET B 143 -18.81 -7.96 -15.91
CA MET B 143 -18.22 -7.60 -17.20
C MET B 143 -19.20 -6.76 -18.03
N ASP B 157 -23.41 5.73 -15.27
CA ASP B 157 -24.31 6.41 -14.34
C ASP B 157 -23.99 6.12 -12.89
N ASP B 158 -24.03 4.85 -12.52
CA ASP B 158 -23.70 4.47 -11.16
C ASP B 158 -23.11 3.08 -11.22
N VAL B 159 -21.79 3.01 -11.38
CA VAL B 159 -21.15 1.73 -11.62
C VAL B 159 -21.23 0.84 -10.38
N PHE B 160 -21.14 1.43 -9.19
CA PHE B 160 -21.29 0.62 -7.98
C PHE B 160 -22.66 -0.06 -7.94
N ALA B 161 -23.73 0.70 -8.17
CA ALA B 161 -25.06 0.13 -8.14
C ALA B 161 -25.26 -0.91 -9.23
N GLU B 162 -24.70 -0.70 -10.42
CA GLU B 162 -24.83 -1.67 -11.48
CA GLU B 162 -24.81 -1.67 -11.51
C GLU B 162 -24.12 -2.96 -11.13
N VAL B 163 -22.93 -2.85 -10.55
CA VAL B 163 -22.20 -4.07 -10.22
C VAL B 163 -22.90 -4.81 -9.08
N ASN B 164 -23.35 -4.04 -8.08
CA ASN B 164 -24.06 -4.63 -6.95
C ASN B 164 -25.34 -5.36 -7.40
N ARG B 165 -26.07 -4.74 -8.32
CA ARG B 165 -27.28 -5.37 -8.85
C ARG B 165 -26.96 -6.64 -9.65
N TYR B 166 -25.88 -6.58 -10.41
CA TYR B 166 -25.40 -7.73 -11.15
C TYR B 166 -25.14 -8.90 -10.23
N PHE B 167 -24.47 -8.62 -9.12
CA PHE B 167 -24.15 -9.69 -8.17
C PHE B 167 -25.44 -10.29 -7.63
N ILE B 168 -26.38 -9.42 -7.28
CA ILE B 168 -27.66 -9.90 -6.76
C ILE B 168 -28.30 -10.89 -7.74
N GLU B 169 -28.32 -10.50 -9.02
CA GLU B 169 -28.92 -11.32 -10.07
C GLU B 169 -28.18 -12.64 -10.30
N GLN B 170 -26.85 -12.61 -10.29
CA GLN B 170 -26.07 -13.81 -10.60
C GLN B 170 -26.09 -14.77 -9.43
N ILE B 171 -26.15 -14.24 -8.21
CA ILE B 171 -26.25 -15.09 -7.03
C ILE B 171 -27.58 -15.84 -7.12
N ALA B 172 -28.65 -15.15 -7.49
CA ALA B 172 -29.96 -15.80 -7.59
C ALA B 172 -29.94 -16.87 -8.68
N ARG B 173 -29.37 -16.54 -9.84
CA ARG B 173 -29.18 -17.47 -10.95
C ARG B 173 -28.46 -18.74 -10.50
N CYS B 174 -27.35 -18.59 -9.79
CA CYS B 174 -26.61 -19.75 -9.34
C CYS B 174 -27.41 -20.59 -8.34
N GLU B 175 -28.02 -19.91 -7.37
CA GLU B 175 -28.83 -20.56 -6.34
C GLU B 175 -29.94 -21.39 -6.99
N GLN B 176 -30.62 -20.80 -7.98
CA GLN B 176 -31.70 -21.45 -8.73
C GLN B 176 -31.22 -22.71 -9.42
N ALA B 177 -29.96 -22.72 -9.85
CA ALA B 177 -29.38 -23.89 -10.53
C ALA B 177 -28.84 -24.92 -9.54
N GLY B 178 -29.00 -24.63 -8.24
CA GLY B 178 -28.57 -25.58 -7.22
C GLY B 178 -27.15 -25.37 -6.72
N ILE B 179 -26.56 -24.21 -7.01
CA ILE B 179 -25.26 -23.87 -6.47
C ILE B 179 -25.47 -23.08 -5.16
N ALA B 180 -25.06 -23.67 -4.03
CA ALA B 180 -25.24 -23.01 -2.74
C ALA B 180 -24.47 -21.70 -2.73
N LYS B 181 -25.05 -20.69 -2.10
CA LYS B 181 -24.41 -19.38 -1.99
C LYS B 181 -22.98 -19.47 -1.44
N GLU B 182 -22.75 -20.43 -0.53
CA GLU B 182 -21.45 -20.58 0.12
C GLU B 182 -20.34 -21.06 -0.82
N LYS B 183 -20.70 -21.42 -2.05
CA LYS B 183 -19.73 -21.79 -3.08
C LYS B 183 -19.28 -20.59 -3.93
N LEU B 184 -19.89 -19.44 -3.74
CA LEU B 184 -19.66 -18.32 -4.66
C LEU B 184 -18.61 -17.31 -4.17
N LEU B 185 -17.90 -16.73 -5.13
CA LEU B 185 -16.96 -15.64 -4.90
C LEU B 185 -17.42 -14.50 -5.79
N LEU B 186 -17.18 -13.27 -5.36
CA LEU B 186 -17.60 -12.14 -6.17
C LEU B 186 -16.40 -11.31 -6.57
N ASP B 187 -16.40 -10.85 -7.82
CA ASP B 187 -15.29 -10.04 -8.34
C ASP B 187 -15.88 -8.89 -9.17
N PRO B 188 -15.60 -7.65 -8.79
CA PRO B 188 -16.20 -6.52 -9.53
C PRO B 188 -15.66 -6.33 -10.94
N GLY B 189 -14.61 -7.06 -11.31
CA GLY B 189 -14.13 -7.08 -12.68
C GLY B 189 -13.40 -5.81 -13.08
N PHE B 190 -12.29 -5.50 -12.38
CA PHE B 190 -11.51 -4.31 -12.78
C PHE B 190 -11.00 -4.46 -14.21
N GLY B 191 -11.02 -3.35 -14.95
CA GLY B 191 -10.57 -3.38 -16.32
C GLY B 191 -11.68 -3.87 -17.23
N PHE B 192 -11.31 -4.64 -18.24
CA PHE B 192 -12.30 -5.15 -19.20
C PHE B 192 -13.11 -3.98 -19.76
N GLY B 193 -12.39 -2.91 -20.12
CA GLY B 193 -13.04 -1.80 -20.77
C GLY B 193 -13.75 -0.79 -19.88
N LYS B 194 -13.97 -1.11 -18.60
CA LYS B 194 -14.39 -0.08 -17.62
C LYS B 194 -13.37 1.04 -17.68
N ASN B 195 -13.82 2.29 -17.68
CA ASN B 195 -12.87 3.39 -17.76
C ASN B 195 -12.23 3.67 -16.42
N LEU B 196 -11.25 4.55 -16.44
CA LEU B 196 -10.48 4.89 -15.25
C LEU B 196 -11.35 5.29 -14.04
N SER B 197 -12.32 6.16 -14.28
CA SER B 197 -13.21 6.65 -13.22
CA SER B 197 -13.21 6.65 -13.22
C SER B 197 -14.03 5.53 -12.60
N HIS B 198 -14.59 4.70 -13.45
CA HIS B 198 -15.38 3.56 -12.99
C HIS B 198 -14.55 2.55 -12.21
N ASN B 199 -13.35 2.26 -12.68
CA ASN B 199 -12.46 1.35 -11.93
C ASN B 199 -12.15 1.87 -10.53
N TYR B 200 -11.82 3.15 -10.43
CA TYR B 200 -11.48 3.68 -9.11
C TYR B 200 -12.71 3.89 -8.22
N SER B 201 -13.89 4.13 -8.81
CA SER B 201 -15.10 4.16 -7.98
C SER B 201 -15.33 2.81 -7.34
N LEU B 202 -15.11 1.75 -8.10
CA LEU B 202 -15.30 0.40 -7.55
C LEU B 202 -14.26 0.09 -6.49
N LEU B 203 -13.01 0.48 -6.73
CA LEU B 203 -11.98 0.23 -5.72
C LEU B 203 -12.28 1.02 -4.45
N ALA B 204 -12.75 2.26 -4.57
CA ALA B 204 -12.97 3.11 -3.40
C ALA B 204 -14.10 2.57 -2.53
N ARG B 205 -15.02 1.85 -3.16
CA ARG B 205 -16.20 1.40 -2.46
C ARG B 205 -16.22 -0.11 -2.26
N LEU B 206 -15.06 -0.75 -2.45
CA LEU B 206 -15.00 -2.21 -2.46
C LEU B 206 -15.59 -2.84 -1.20
N ALA B 207 -15.37 -2.21 -0.05
CA ALA B 207 -15.79 -2.81 1.23
C ALA B 207 -17.29 -2.89 1.33
N GLU B 208 -18.00 -2.06 0.57
CA GLU B 208 -19.45 -2.11 0.60
C GLU B 208 -20.00 -3.39 -0.04
N PHE B 209 -19.18 -4.12 -0.78
CA PHE B 209 -19.64 -5.39 -1.32
C PHE B 209 -19.61 -6.49 -0.25
N HIS B 210 -19.15 -6.19 0.95
CA HIS B 210 -19.15 -7.24 2.00
C HIS B 210 -20.57 -7.58 2.47
N HIS B 211 -21.57 -6.80 2.06
CA HIS B 211 -22.92 -7.09 2.56
C HIS B 211 -23.39 -8.46 2.09
N PHE B 212 -22.86 -8.95 0.98
CA PHE B 212 -23.25 -10.29 0.51
C PHE B 212 -22.74 -11.44 1.40
N ASN B 213 -21.79 -11.15 2.27
CA ASN B 213 -21.09 -12.15 3.08
CA ASN B 213 -21.11 -12.16 3.08
C ASN B 213 -20.46 -13.26 2.25
N LEU B 214 -19.86 -12.85 1.14
CA LEU B 214 -19.14 -13.73 0.22
C LEU B 214 -17.72 -13.29 0.02
N PRO B 215 -16.82 -14.22 -0.34
CA PRO B 215 -15.43 -13.85 -0.62
C PRO B 215 -15.36 -12.83 -1.76
N LEU B 216 -14.53 -11.81 -1.60
CA LEU B 216 -14.24 -10.85 -2.66
C LEU B 216 -12.89 -11.19 -3.29
N LEU B 217 -12.90 -11.32 -4.61
CA LEU B 217 -11.69 -11.58 -5.38
C LEU B 217 -11.48 -10.37 -6.29
N VAL B 218 -10.25 -9.93 -6.42
CA VAL B 218 -9.99 -8.74 -7.25
C VAL B 218 -8.76 -8.96 -8.09
N GLY B 219 -8.74 -8.36 -9.29
CA GLY B 219 -7.59 -8.46 -10.17
C GLY B 219 -7.29 -7.11 -10.77
N MET B 220 -6.26 -6.45 -10.25
CA MET B 220 -5.85 -5.15 -10.82
C MET B 220 -4.43 -5.15 -11.38
N SER B 221 -3.67 -6.23 -11.09
CA SER B 221 -2.24 -6.31 -11.41
C SER B 221 -1.85 -5.90 -12.85
N ARG B 222 -1.00 -4.88 -12.95
CA ARG B 222 -0.47 -4.40 -14.23
C ARG B 222 -1.51 -3.90 -15.23
N LYS B 223 -2.73 -3.65 -14.77
CA LYS B 223 -3.79 -3.21 -15.68
C LYS B 223 -3.71 -1.72 -16.06
N SER B 224 -4.51 -1.36 -17.05
CA SER B 224 -4.55 -0.01 -17.54
C SER B 224 -4.97 1.00 -16.48
N MET B 225 -5.72 0.59 -15.45
CA MET B 225 -6.12 1.57 -14.44
C MET B 225 -4.89 2.06 -13.66
N ILE B 226 -3.81 1.29 -13.74
CA ILE B 226 -2.51 1.69 -13.22
C ILE B 226 -1.66 2.40 -14.30
N GLY B 227 -1.50 1.69 -15.43
CA GLY B 227 -0.72 2.21 -16.56
C GLY B 227 -1.10 3.60 -17.02
N GLN B 228 -2.39 3.90 -17.08
CA GLN B 228 -2.85 5.22 -17.49
C GLN B 228 -2.41 6.31 -16.54
N LEU B 229 -2.37 5.98 -15.25
CA LEU B 229 -1.96 6.93 -14.22
C LEU B 229 -0.45 7.10 -14.14
N LEU B 230 0.27 5.99 -14.28
CA LEU B 230 1.72 5.98 -14.05
C LEU B 230 2.52 6.29 -15.33
N ASN B 231 1.92 6.04 -16.49
CA ASN B 231 2.60 6.25 -17.76
C ASN B 231 3.87 5.42 -17.85
N VAL B 232 3.74 4.16 -17.45
CA VAL B 232 4.84 3.22 -17.56
C VAL B 232 4.30 1.92 -18.16
N GLY B 233 5.16 1.20 -18.84
CA GLY B 233 4.77 -0.01 -19.53
C GLY B 233 4.41 -1.09 -18.53
N PRO B 234 3.81 -2.17 -19.01
CA PRO B 234 3.32 -3.28 -18.19
C PRO B 234 4.36 -3.84 -17.21
N SER B 235 5.64 -3.84 -17.59
CA SER B 235 6.67 -4.41 -16.73
C SER B 235 7.13 -3.43 -15.65
N GLU B 236 6.64 -2.19 -15.70
CA GLU B 236 7.08 -1.16 -14.79
C GLU B 236 6.04 -0.75 -13.76
N ARG B 237 4.99 -1.56 -13.59
CA ARG B 237 3.80 -1.13 -12.85
C ARG B 237 3.70 -1.68 -11.43
N LEU B 238 4.79 -2.25 -10.93
CA LEU B 238 4.73 -2.95 -9.64
C LEU B 238 4.22 -2.05 -8.51
N SER B 239 4.72 -0.80 -8.43
CA SER B 239 4.34 0.04 -7.28
C SER B 239 2.85 0.32 -7.30
N GLY B 240 2.33 0.53 -8.50
CA GLY B 240 0.90 0.74 -8.64
C GLY B 240 0.13 -0.54 -8.36
N SER B 241 0.62 -1.67 -8.83
CA SER B 241 -0.04 -2.95 -8.60
C SER B 241 -0.12 -3.24 -7.09
N LEU B 242 0.97 -2.98 -6.40
CA LEU B 242 1.00 -3.20 -4.94
C LEU B 242 0.03 -2.26 -4.24
N ALA B 243 0.00 -0.99 -4.66
CA ALA B 243 -0.90 -0.04 -4.06
C ALA B 243 -2.36 -0.49 -4.22
N CYS B 244 -2.75 -0.92 -5.42
CA CYS B 244 -4.09 -1.45 -5.62
C CYS B 244 -4.37 -2.64 -4.68
N ALA B 245 -3.40 -3.54 -4.58
CA ALA B 245 -3.55 -4.76 -3.77
C ALA B 245 -3.75 -4.41 -2.29
N VAL B 246 -2.98 -3.44 -1.79
CA VAL B 246 -3.10 -3.03 -0.41
C VAL B 246 -4.41 -2.31 -0.11
N ILE B 247 -4.81 -1.42 -1.01
CA ILE B 247 -6.09 -0.72 -0.85
C ILE B 247 -7.25 -1.72 -0.80
N ALA B 248 -7.23 -2.70 -1.70
CA ALA B 248 -8.27 -3.74 -1.69
C ALA B 248 -8.25 -4.60 -0.41
N ALA B 249 -7.06 -5.04 -0.03
CA ALA B 249 -6.93 -5.93 1.13
C ALA B 249 -7.29 -5.22 2.44
N MET B 250 -6.95 -3.93 2.55
CA MET B 250 -7.30 -3.19 3.75
C MET B 250 -8.81 -3.06 3.84
N GLN B 251 -9.50 -3.20 2.70
CA GLN B 251 -10.97 -3.19 2.68
C GLN B 251 -11.56 -4.60 2.79
N GLY B 252 -10.71 -5.56 3.07
CA GLY B 252 -11.16 -6.92 3.34
C GLY B 252 -11.30 -7.84 2.15
N ALA B 253 -10.71 -7.46 1.03
CA ALA B 253 -10.69 -8.37 -0.12
C ALA B 253 -9.98 -9.66 0.29
N HIS B 254 -10.51 -10.81 -0.10
CA HIS B 254 -9.98 -12.08 0.35
C HIS B 254 -8.93 -12.69 -0.56
N ILE B 255 -9.05 -12.46 -1.86
CA ILE B 255 -8.10 -13.05 -2.82
C ILE B 255 -7.64 -11.96 -3.79
N ILE B 256 -6.33 -11.83 -3.97
CA ILE B 256 -5.75 -10.81 -4.85
C ILE B 256 -5.03 -11.53 -5.97
N ARG B 257 -5.51 -11.36 -7.18
CA ARG B 257 -4.92 -12.03 -8.35
C ARG B 257 -3.78 -11.18 -8.96
N VAL B 258 -2.57 -11.73 -8.98
CA VAL B 258 -1.42 -10.92 -9.38
C VAL B 258 -0.39 -11.66 -10.23
N HIS B 259 0.39 -10.87 -10.97
CA HIS B 259 1.57 -11.34 -11.68
C HIS B 259 2.78 -11.48 -10.76
N ASP B 260 2.96 -10.50 -9.87
CA ASP B 260 4.20 -10.41 -9.07
C ASP B 260 3.97 -10.94 -7.66
N VAL B 261 4.15 -12.26 -7.48
CA VAL B 261 3.69 -12.88 -6.23
C VAL B 261 4.49 -12.46 -4.97
N LYS B 262 5.81 -12.52 -5.06
CA LYS B 262 6.61 -12.35 -3.86
C LYS B 262 6.40 -10.99 -3.23
N GLU B 263 6.36 -9.96 -4.05
CA GLU B 263 6.16 -8.61 -3.52
C GLU B 263 4.74 -8.42 -2.99
N THR B 264 3.75 -9.04 -3.66
CA THR B 264 2.38 -8.90 -3.16
C THR B 264 2.19 -9.61 -1.83
N VAL B 265 2.81 -10.79 -1.70
CA VAL B 265 2.75 -11.54 -0.46
C VAL B 265 3.36 -10.73 0.69
N GLU B 266 4.49 -10.06 0.42
CA GLU B 266 5.09 -9.18 1.43
C GLU B 266 4.14 -8.06 1.82
N ALA B 267 3.53 -7.40 0.83
CA ALA B 267 2.59 -6.33 1.08
C ALA B 267 1.41 -6.87 1.88
N MET B 268 0.98 -8.09 1.59
CA MET B 268 -0.12 -8.65 2.36
C MET B 268 0.24 -8.96 3.82
N ARG B 269 1.48 -9.33 4.07
CA ARG B 269 1.89 -9.54 5.46
C ARG B 269 1.82 -8.23 6.27
N VAL B 270 2.13 -7.13 5.61
CA VAL B 270 2.07 -5.84 6.25
C VAL B 270 0.60 -5.50 6.51
N VAL B 271 -0.25 -5.76 5.52
CA VAL B 271 -1.68 -5.55 5.72
C VAL B 271 -2.20 -6.43 6.87
N GLU B 272 -1.79 -7.69 6.92
CA GLU B 272 -2.27 -8.60 7.98
C GLU B 272 -1.81 -8.12 9.36
N ALA B 273 -0.57 -7.66 9.45
CA ALA B 273 -0.05 -7.15 10.72
C ALA B 273 -0.85 -5.94 11.19
N THR B 274 -1.26 -5.09 10.26
CA THR B 274 -2.09 -3.94 10.55
C THR B 274 -3.52 -4.32 10.97
N LEU B 275 -4.19 -5.18 10.19
CA LEU B 275 -5.53 -5.60 10.53
C LEU B 275 -5.54 -6.36 11.85
N SER B 276 -4.49 -7.14 12.11
CA SER B 276 -4.41 -7.89 13.37
C SER B 276 -4.28 -6.96 14.57
N ALA B 277 -3.57 -5.86 14.36
CA ALA B 277 -3.35 -4.89 15.42
C ALA B 277 -4.61 -4.09 15.73
N LYS B 278 -5.52 -4.06 14.77
CA LYS B 278 -6.78 -3.35 14.96
C LYS B 278 -7.67 -4.12 15.92
N GLU B 279 -7.08 -5.05 16.64
CA GLU B 279 -7.79 -5.87 17.63
C GLU B 279 -9.12 -6.39 17.08
N3 7VJ C . 12.43 8.68 11.09
O2 7VJ C . 13.63 8.65 10.88
C2 7VJ C . 11.84 9.87 11.17
C1 7VJ C . 12.41 11.10 11.07
N2 7VJ C . 13.77 11.22 10.86
C5 7VJ C . 14.39 12.55 10.89
N1 7VJ C . 11.67 12.23 11.16
C4 7VJ C . 10.40 12.14 11.37
N5 7VJ C . 9.58 13.21 11.49
N4 7VJ C . 9.74 10.92 11.49
C3 7VJ C . 10.40 9.75 11.40
O1 7VJ C . 9.85 8.64 11.50
NA NA D . 15.48 3.63 -4.45
C ACY E . 6.75 -14.49 -8.29
O ACY E . 5.78 -14.15 -9.02
OXT ACY E . 7.30 -13.71 -7.45
CH3 ACY E . 7.28 -15.89 -8.45
N3 7VJ F . -8.51 -10.23 -14.93
O2 7VJ F . -7.84 -10.67 -15.85
C2 7VJ F . -9.22 -11.10 -14.20
C1 7VJ F . -9.36 -12.43 -14.38
N2 7VJ F . -8.72 -13.06 -15.42
C5 7VJ F . -8.90 -14.50 -15.62
N1 7VJ F . -10.14 -13.19 -13.53
C4 7VJ F . -10.75 -12.60 -12.54
N5 7VJ F . -11.55 -13.25 -11.64
N4 7VJ F . -10.63 -11.26 -12.29
C3 7VJ F . -9.90 -10.43 -13.09
O1 7VJ F . -9.80 -9.22 -12.88
NA NA G . 7.79 -10.23 -10.94
#